data_7S7Q
#
_entry.id   7S7Q
#
_cell.length_a   73.712
_cell.length_b   73.712
_cell.length_c   332.241
_cell.angle_alpha   90.000
_cell.angle_beta   90.000
_cell.angle_gamma   90.000
#
_symmetry.space_group_name_H-M   'P 43 21 2'
#
loop_
_entity.id
_entity.type
_entity.pdbx_description
1 polymer 'Merozoite surface protein P41'
2 polymer 'Merozoite surface protein P12'
3 non-polymer 2-acetamido-2-deoxy-beta-D-glucopyranose
4 non-polymer 'CADMIUM ION'
#
loop_
_entity_poly.entity_id
_entity_poly.type
_entity_poly.pdbx_seq_one_letter_code
_entity_poly.pdbx_strand_id
1 'polypeptide(L)'
;GASKSHKCDFTKEKYLLSGEKEVSCEIDANPSDDITFICPNKIDSLCFHTVNISKNINQNKSTMSIQDLLYGSVVYGNTL
FISPYVRTNTPFYCFCNLDTVTIQKFLKINRFLKDDDELSEADVMKHLKGGNVSEAQADEYLNKALNRFKKMKDLSKFFN
DQADNTTKLNLPKSLNIPNDILNYDVYNSSNNRNDIVVKDEVTNKQIISKRGIMSVFVRSNNNVIKGCDFGNNNKNYFSH
PISVAGKVNNKVCKIQGKPGELVGFKCAFEENGKVEPPNCFDQVLHKNKVTDLKTLIPGYASYTNKHSSKYPYYLKIPHF
VNEQYTIQCKCKSNNSQNEYTFELDIQPGES
;
A
2 'polypeptide(L)'
;GASNLTCDFNDVYKLEFHPNQQTSVTKLCNLTPNVLEKVTIKCGSDKLNYNLYPPTCFEEVYASRNMMHLKKIKEFVIGS
SMFMRRSLTPNKINEVSFRIPPNMMPEKPIYCFCENKKTITINGSNGNPSSKKDIINRGIVEIIIPSLNEKVKGCDFTTS
ESTIFSKGYSINEISNKSSNNQQDIVCTVKAHANDLIGFKCPSNYSVEPHDCFVSAFNLSGKNENLENKLKLTNIIMDHY
NNTFYSRLPSLISDNWKFFCVCSKDNEKKLVFTVEASISS
;
B
#
loop_
_chem_comp.id
_chem_comp.type
_chem_comp.name
_chem_comp.formula
CD non-polymer 'CADMIUM ION' 'Cd 2'
NAG D-saccharide, beta linking 2-acetamido-2-deoxy-beta-D-glucopyranose 'C8 H15 N O6'
#
# COMPACT_ATOMS: atom_id res chain seq x y z
N SER A 3 4.31 11.31 6.73
CA SER A 3 4.76 12.32 5.78
C SER A 3 3.56 13.09 5.21
N LYS A 4 3.55 14.40 5.43
CA LYS A 4 2.45 15.23 4.96
C LYS A 4 2.62 15.57 3.47
N SER A 5 1.53 16.05 2.87
CA SER A 5 1.52 16.37 1.45
C SER A 5 0.97 17.79 1.26
N HIS A 6 1.79 18.66 0.68
CA HIS A 6 1.47 20.06 0.51
C HIS A 6 1.06 20.35 -0.93
N LYS A 7 0.25 21.40 -1.10
CA LYS A 7 -0.17 21.81 -2.44
C LYS A 7 -0.39 23.31 -2.49
N CYS A 8 0.00 23.91 -3.61
CA CYS A 8 -0.20 25.34 -3.88
C CYS A 8 -0.91 25.46 -5.22
N ASP A 9 -2.23 25.54 -5.19
CA ASP A 9 -3.03 25.57 -6.42
C ASP A 9 -3.38 27.01 -6.75
N PHE A 10 -2.61 27.59 -7.68
CA PHE A 10 -2.90 28.94 -8.17
C PHE A 10 -4.15 28.99 -9.04
N THR A 11 -4.88 27.88 -9.18
CA THR A 11 -6.16 27.87 -9.89
C THR A 11 -7.28 28.51 -9.07
N LYS A 12 -7.08 28.72 -7.77
CA LYS A 12 -8.16 29.12 -6.89
C LYS A 12 -8.50 30.59 -7.05
N GLU A 13 -9.78 30.90 -6.86
CA GLU A 13 -10.22 32.29 -6.85
C GLU A 13 -9.62 33.06 -5.69
N LYS A 14 -9.31 32.37 -4.59
CA LYS A 14 -8.65 33.01 -3.46
C LYS A 14 -7.28 33.54 -3.82
N TYR A 15 -6.68 33.07 -4.90
CA TYR A 15 -5.40 33.55 -5.39
C TYR A 15 -5.50 34.33 -6.68
N LEU A 16 -6.51 34.06 -7.52
CA LEU A 16 -6.64 34.74 -8.79
C LEU A 16 -7.23 36.14 -8.62
N LEU A 17 -8.20 36.30 -7.71
CA LEU A 17 -8.79 37.59 -7.45
C LEU A 17 -8.30 38.16 -6.13
N SER A 18 -6.99 38.19 -5.94
CA SER A 18 -6.40 38.69 -4.71
C SER A 18 -6.14 40.19 -4.81
N GLY A 19 -5.51 40.74 -3.78
CA GLY A 19 -5.30 42.18 -3.71
C GLY A 19 -4.01 42.66 -4.31
N GLU A 20 -2.89 42.42 -3.63
CA GLU A 20 -1.59 42.92 -4.08
C GLU A 20 -1.18 42.26 -5.40
N LYS A 21 -0.10 42.79 -5.98
CA LYS A 21 0.39 42.30 -7.27
C LYS A 21 1.28 41.07 -7.13
N GLU A 22 1.80 40.79 -5.95
CA GLU A 22 2.67 39.65 -5.71
C GLU A 22 1.92 38.67 -4.80
N VAL A 23 1.26 37.69 -5.42
CA VAL A 23 0.57 36.64 -4.68
C VAL A 23 1.59 35.60 -4.23
N SER A 24 1.49 35.18 -2.98
CA SER A 24 2.50 34.30 -2.38
C SER A 24 1.82 33.25 -1.52
N CYS A 25 2.06 31.99 -1.86
CA CYS A 25 1.72 30.88 -0.99
C CYS A 25 3.00 30.31 -0.40
N GLU A 26 2.98 30.05 0.91
CA GLU A 26 4.15 29.59 1.63
C GLU A 26 3.94 28.17 2.12
N ILE A 27 4.99 27.37 2.08
CA ILE A 27 4.90 25.93 2.38
C ILE A 27 6.18 25.49 3.07
N ASP A 28 6.04 24.89 4.25
CA ASP A 28 7.14 24.36 5.03
C ASP A 28 7.02 22.84 5.07
N ALA A 29 7.89 22.15 4.34
CA ALA A 29 7.85 20.70 4.23
C ALA A 29 9.00 20.03 4.98
N ASN A 30 8.97 18.69 5.02
CA ASN A 30 9.99 17.87 5.66
C ASN A 30 10.41 16.75 4.70
N PRO A 31 11.50 16.01 4.98
CA PRO A 31 11.90 14.93 4.05
C PRO A 31 10.82 13.87 3.87
N SER A 32 10.83 13.26 2.69
CA SER A 32 9.80 12.30 2.24
C SER A 32 8.41 12.91 2.15
N ASP A 33 8.28 14.22 2.27
CA ASP A 33 6.99 14.82 1.98
C ASP A 33 6.85 14.98 0.46
N ASP A 34 5.70 15.49 0.01
CA ASP A 34 5.49 15.71 -1.41
C ASP A 34 4.62 16.94 -1.61
N ILE A 35 5.16 17.93 -2.33
CA ILE A 35 4.44 19.15 -2.68
C ILE A 35 4.04 19.09 -4.14
N THR A 36 2.87 19.64 -4.44
CA THR A 36 2.34 19.73 -5.78
C THR A 36 2.07 21.19 -6.10
N PHE A 37 2.36 21.59 -7.34
CA PHE A 37 2.26 22.99 -7.76
C PHE A 37 1.48 23.03 -9.06
N ILE A 38 0.36 23.75 -9.05
CA ILE A 38 -0.51 23.88 -10.22
C ILE A 38 -0.51 25.37 -10.60
N CYS A 39 0.26 25.72 -11.63
CA CYS A 39 0.39 27.05 -12.20
C CYS A 39 -0.15 27.09 -13.62
N PRO A 40 -1.00 28.05 -13.97
CA PRO A 40 -1.52 28.11 -15.35
C PRO A 40 -0.46 28.32 -16.41
N ASN A 41 0.56 29.15 -16.16
CA ASN A 41 1.56 29.48 -17.19
C ASN A 41 2.89 29.69 -16.48
N LYS A 42 3.67 28.61 -16.39
CA LYS A 42 4.93 28.65 -15.64
C LYS A 42 5.92 29.58 -16.31
N ILE A 43 6.56 30.43 -15.51
CA ILE A 43 7.51 31.43 -16.00
C ILE A 43 8.84 31.24 -15.27
N ASP A 44 9.85 31.97 -15.74
CA ASP A 44 11.22 31.83 -15.25
C ASP A 44 11.66 30.37 -15.35
N SER A 45 11.77 29.69 -14.22
CA SER A 45 12.16 28.29 -14.22
C SER A 45 10.93 27.39 -14.37
N LEU A 46 11.19 26.11 -14.64
CA LEU A 46 10.14 25.10 -14.84
C LEU A 46 10.17 24.14 -13.65
N CYS A 47 9.25 24.34 -12.71
CA CYS A 47 9.20 23.55 -11.48
C CYS A 47 8.31 22.33 -11.68
N PHE A 48 8.69 21.20 -11.07
CA PHE A 48 9.75 21.16 -10.05
C PHE A 48 11.12 20.72 -10.55
N HIS A 49 11.30 20.65 -11.88
CA HIS A 49 12.57 20.18 -12.41
C HIS A 49 13.66 21.25 -12.29
N THR A 50 13.33 22.50 -12.61
CA THR A 50 14.23 23.62 -12.38
C THR A 50 13.51 24.66 -11.54
N VAL A 51 14.20 25.17 -10.52
CA VAL A 51 13.60 26.07 -9.55
C VAL A 51 14.32 27.41 -9.62
N ASN A 52 13.75 28.41 -8.97
CA ASN A 52 14.32 29.76 -8.91
C ASN A 52 14.97 29.98 -7.55
N ILE A 53 16.20 30.49 -7.57
CA ILE A 53 16.94 30.68 -6.33
C ILE A 53 16.60 32.00 -5.64
N SER A 54 16.01 32.96 -6.33
CA SER A 54 15.71 34.25 -5.72
C SER A 54 14.20 34.54 -5.71
N THR A 63 18.65 30.11 -11.60
CA THR A 63 17.95 28.83 -11.65
C THR A 63 18.88 27.68 -11.31
N MET A 64 18.30 26.60 -10.78
CA MET A 64 19.02 25.37 -10.45
C MET A 64 18.06 24.19 -10.61
N SER A 65 18.61 23.02 -10.94
CA SER A 65 17.81 21.81 -11.07
C SER A 65 17.71 21.09 -9.73
N ILE A 66 16.52 20.59 -9.41
CA ILE A 66 16.19 20.14 -8.07
C ILE A 66 17.12 19.02 -7.59
N GLN A 67 17.63 18.22 -8.51
CA GLN A 67 18.49 17.10 -8.11
C GLN A 67 19.81 17.59 -7.54
N ASP A 68 20.27 18.77 -7.97
CA ASP A 68 21.49 19.33 -7.41
C ASP A 68 21.23 20.04 -6.09
N LEU A 69 20.07 20.68 -5.96
CA LEU A 69 19.73 21.37 -4.70
C LEU A 69 19.41 20.36 -3.60
N LEU A 70 18.37 19.55 -3.81
CA LEU A 70 17.95 18.52 -2.86
C LEU A 70 18.17 17.17 -3.54
N TYR A 71 19.36 16.61 -3.34
CA TYR A 71 19.71 15.33 -3.95
C TYR A 71 18.87 14.21 -3.35
N GLY A 72 18.42 13.29 -4.22
CA GLY A 72 17.54 12.22 -3.84
C GLY A 72 16.06 12.50 -4.06
N SER A 73 15.71 13.74 -4.42
CA SER A 73 14.34 14.05 -4.75
C SER A 73 13.92 13.34 -6.03
N VAL A 74 12.62 13.23 -6.21
CA VAL A 74 12.00 12.78 -7.46
C VAL A 74 10.89 13.75 -7.79
N VAL A 75 10.76 14.13 -9.05
CA VAL A 75 9.61 14.91 -9.49
C VAL A 75 8.92 14.16 -10.62
N TYR A 76 7.64 13.89 -10.42
CA TYR A 76 6.76 13.28 -11.40
C TYR A 76 5.57 14.22 -11.58
N GLY A 77 5.04 14.28 -12.80
CA GLY A 77 3.96 15.21 -13.11
C GLY A 77 4.24 16.63 -12.66
N ASN A 78 3.37 17.17 -11.81
CA ASN A 78 3.58 18.46 -11.16
C ASN A 78 3.86 18.30 -9.67
N THR A 79 4.44 17.16 -9.27
CA THR A 79 4.62 16.81 -7.87
C THR A 79 6.10 16.60 -7.57
N LEU A 80 6.55 17.12 -6.44
CA LEU A 80 7.91 16.89 -5.95
C LEU A 80 7.85 15.99 -4.73
N PHE A 81 8.27 14.75 -4.87
CA PHE A 81 8.59 13.91 -3.71
C PHE A 81 9.96 14.35 -3.21
N ILE A 82 10.00 14.94 -2.03
CA ILE A 82 11.25 15.37 -1.43
C ILE A 82 12.09 14.15 -1.06
N SER A 83 13.41 14.32 -1.10
CA SER A 83 14.33 13.24 -0.83
C SER A 83 14.14 12.71 0.59
N PRO A 84 14.32 11.41 0.80
CA PRO A 84 14.23 10.87 2.15
C PRO A 84 15.45 11.19 2.99
N TYR A 85 16.30 12.10 2.51
CA TYR A 85 17.44 12.58 3.29
C TYR A 85 17.84 13.95 2.75
N VAL A 86 17.63 15.00 3.56
CA VAL A 86 18.12 16.35 3.27
C VAL A 86 19.17 16.70 4.30
N ARG A 87 20.23 17.38 3.86
CA ARG A 87 21.38 17.69 4.72
C ARG A 87 21.27 19.06 5.38
N THR A 88 20.96 20.10 4.60
CA THR A 88 20.80 21.45 5.12
C THR A 88 19.42 21.97 4.78
N ASN A 89 18.87 22.78 5.69
CA ASN A 89 17.61 23.46 5.43
C ASN A 89 17.75 24.34 4.19
N THR A 90 16.86 24.14 3.21
CA THR A 90 17.01 24.84 1.94
C THR A 90 15.69 25.41 1.42
N PRO A 91 15.72 26.63 0.88
CA PRO A 91 14.52 27.19 0.27
C PRO A 91 14.51 27.09 -1.25
N PHE A 92 13.33 27.20 -1.85
CA PHE A 92 13.18 27.29 -3.30
C PHE A 92 12.05 28.26 -3.61
N TYR A 93 12.01 28.71 -4.87
CA TYR A 93 11.00 29.65 -5.32
C TYR A 93 10.61 29.31 -6.75
N CYS A 94 9.32 29.44 -7.06
CA CYS A 94 8.82 29.21 -8.42
C CYS A 94 7.81 30.28 -8.76
N PHE A 95 8.08 31.08 -9.78
CA PHE A 95 7.19 32.18 -10.16
C PHE A 95 6.20 31.75 -11.23
N CYS A 96 5.01 32.33 -11.17
CA CYS A 96 3.91 31.98 -12.06
C CYS A 96 3.28 33.28 -12.56
N ASN A 97 3.36 33.51 -13.87
CA ASN A 97 2.87 34.75 -14.46
C ASN A 97 1.37 34.60 -14.73
N LEU A 98 0.57 35.31 -13.95
CA LEU A 98 -0.87 35.39 -14.19
C LEU A 98 -1.09 36.52 -15.19
N ASP A 99 -1.06 36.15 -16.48
CA ASP A 99 -1.43 37.09 -17.54
C ASP A 99 -2.94 37.29 -17.55
N THR A 100 -3.35 38.53 -17.84
CA THR A 100 -4.72 38.97 -17.62
C THR A 100 -5.75 37.96 -18.14
N VAL A 101 -5.55 37.40 -19.34
CA VAL A 101 -6.57 36.49 -19.86
C VAL A 101 -6.33 35.06 -19.42
N THR A 102 -5.11 34.72 -19.01
CA THR A 102 -4.93 33.43 -18.33
C THR A 102 -5.72 33.39 -17.03
N ILE A 103 -5.69 34.48 -16.25
CA ILE A 103 -6.61 34.59 -15.12
C ILE A 103 -8.04 34.36 -15.62
N GLN A 104 -8.50 35.25 -16.50
CA GLN A 104 -9.87 35.16 -17.02
C GLN A 104 -10.20 33.77 -17.55
N LYS A 105 -9.28 33.16 -18.31
CA LYS A 105 -9.57 31.89 -18.96
C LYS A 105 -9.87 30.80 -17.94
N PHE A 106 -9.05 30.72 -16.89
CA PHE A 106 -9.24 29.64 -15.92
C PHE A 106 -10.42 29.95 -15.00
N LEU A 107 -10.61 31.22 -14.64
CA LEU A 107 -11.84 31.62 -13.96
C LEU A 107 -13.08 31.09 -14.68
N LYS A 108 -13.04 31.07 -16.02
CA LYS A 108 -14.15 30.51 -16.79
C LYS A 108 -14.19 28.99 -16.72
N ILE A 109 -13.04 28.34 -16.51
CA ILE A 109 -13.02 26.90 -16.36
C ILE A 109 -13.28 26.48 -14.91
N ASN A 110 -12.85 27.29 -13.94
CA ASN A 110 -13.05 26.93 -12.53
C ASN A 110 -14.50 27.06 -12.12
N ARG A 111 -15.27 27.93 -12.79
CA ARG A 111 -16.70 28.00 -12.52
C ARG A 111 -17.46 26.87 -13.20
N PHE A 112 -17.01 26.46 -14.39
CA PHE A 112 -17.63 25.33 -15.07
C PHE A 112 -17.46 24.05 -14.27
N LEU A 113 -16.31 23.89 -13.61
CA LEU A 113 -16.12 22.74 -12.73
C LEU A 113 -17.12 22.76 -11.59
N LYS A 114 -17.17 23.88 -10.85
CA LYS A 114 -18.12 24.06 -9.75
C LYS A 114 -18.06 22.94 -8.74
N ASP A 115 -16.85 22.40 -8.53
CA ASP A 115 -16.67 21.26 -7.63
C ASP A 115 -15.38 21.40 -6.83
N LEU A 128 -19.12 21.81 7.64
CA LEU A 128 -18.23 21.21 8.64
C LEU A 128 -19.02 20.45 9.71
N LYS A 129 -20.27 20.87 9.94
CA LYS A 129 -21.14 20.28 10.94
C LYS A 129 -22.47 19.91 10.30
N GLY A 130 -22.45 18.84 9.48
CA GLY A 130 -23.61 18.41 8.75
C GLY A 130 -24.33 17.27 9.46
N GLY A 131 -25.61 17.50 9.75
CA GLY A 131 -26.39 16.48 10.45
C GLY A 131 -26.66 15.26 9.60
N ASN A 132 -27.16 15.49 8.37
CA ASN A 132 -27.39 14.42 7.40
C ASN A 132 -28.28 13.32 7.97
N VAL A 133 -29.41 13.73 8.55
CA VAL A 133 -30.32 12.79 9.19
C VAL A 133 -30.95 11.85 8.16
N SER A 134 -31.48 12.40 7.08
CA SER A 134 -32.07 11.58 6.03
C SER A 134 -30.99 10.70 5.41
N GLU A 135 -31.36 9.46 5.07
CA GLU A 135 -30.42 8.59 4.37
C GLU A 135 -29.96 9.23 3.07
N ALA A 136 -30.87 9.91 2.36
CA ALA A 136 -30.56 10.39 1.01
C ALA A 136 -29.57 11.54 1.02
N GLN A 137 -29.67 12.45 1.98
CA GLN A 137 -28.71 13.55 2.01
C GLN A 137 -27.33 13.09 2.46
N ALA A 138 -27.27 12.03 3.29
CA ALA A 138 -25.99 11.39 3.57
C ALA A 138 -25.41 10.78 2.30
N ASP A 139 -26.27 10.28 1.41
CA ASP A 139 -25.79 9.79 0.12
C ASP A 139 -25.12 10.90 -0.68
N GLU A 140 -25.74 12.08 -0.74
CA GLU A 140 -25.24 13.15 -1.58
C GLU A 140 -23.88 13.65 -1.11
N TYR A 141 -23.72 13.84 0.20
CA TYR A 141 -22.44 14.32 0.73
C TYR A 141 -21.33 13.33 0.46
N LEU A 142 -21.64 12.02 0.51
CA LEU A 142 -20.64 11.00 0.24
C LEU A 142 -20.36 10.88 -1.25
N ASN A 143 -21.42 10.85 -2.07
CA ASN A 143 -21.20 10.84 -3.51
C ASN A 143 -20.44 12.09 -3.93
N LYS A 144 -20.72 13.24 -3.32
CA LYS A 144 -19.91 14.43 -3.59
C LYS A 144 -18.45 14.18 -3.24
N ALA A 145 -18.20 13.64 -2.05
CA ALA A 145 -16.82 13.34 -1.65
C ALA A 145 -16.20 12.26 -2.51
N LEU A 146 -17.00 11.41 -3.13
CA LEU A 146 -16.45 10.32 -3.95
C LEU A 146 -15.91 10.82 -5.27
N ASN A 147 -16.53 11.85 -5.86
CA ASN A 147 -16.05 12.34 -7.15
C ASN A 147 -14.81 13.21 -7.01
N ARG A 148 -14.73 14.03 -5.97
CA ARG A 148 -13.48 14.71 -5.69
C ARG A 148 -12.33 13.72 -5.55
N PHE A 149 -12.62 12.54 -5.01
CA PHE A 149 -11.64 11.46 -5.02
C PHE A 149 -11.38 10.97 -6.44
N LYS A 150 -12.43 10.60 -7.17
CA LYS A 150 -12.25 10.14 -8.54
C LYS A 150 -11.71 11.26 -9.44
N LYS A 151 -12.04 12.53 -9.14
CA LYS A 151 -11.57 13.62 -9.98
C LYS A 151 -10.06 13.82 -9.84
N MET A 152 -9.54 13.79 -8.61
CA MET A 152 -8.13 14.08 -8.41
C MET A 152 -7.25 12.96 -8.96
N LYS A 153 -7.74 11.72 -8.88
CA LYS A 153 -6.97 10.60 -9.42
C LYS A 153 -6.68 10.79 -10.91
N ASP A 154 -7.70 11.11 -11.70
CA ASP A 154 -7.52 11.27 -13.13
C ASP A 154 -6.65 12.47 -13.47
N LEU A 155 -6.52 13.42 -12.54
CA LEU A 155 -5.67 14.58 -12.80
C LEU A 155 -4.19 14.26 -12.64
N SER A 156 -3.82 13.47 -11.63
CA SER A 156 -2.42 13.12 -11.51
C SER A 156 -2.01 12.09 -12.56
N LYS A 157 -2.96 11.26 -12.99
CA LYS A 157 -2.67 10.35 -14.11
C LYS A 157 -2.33 11.13 -15.38
N PHE A 158 -3.15 12.13 -15.70
CA PHE A 158 -2.87 12.96 -16.86
C PHE A 158 -1.59 13.76 -16.69
N PHE A 159 -1.31 14.22 -15.47
CA PHE A 159 -0.10 15.00 -15.24
C PHE A 159 1.16 14.14 -15.34
N ASN A 160 1.06 12.86 -15.01
CA ASN A 160 2.22 11.98 -15.13
C ASN A 160 2.55 11.70 -16.59
N ASP A 161 1.52 11.58 -17.44
CA ASP A 161 1.76 11.41 -18.88
C ASP A 161 2.49 12.60 -19.47
N GLN A 162 2.31 13.79 -18.88
CA GLN A 162 3.01 14.99 -19.31
C GLN A 162 4.52 14.78 -19.34
N ALA A 163 5.17 15.42 -20.30
CA ALA A 163 6.62 15.36 -20.41
C ALA A 163 7.26 16.14 -19.26
N ASP A 164 8.59 16.18 -19.24
CA ASP A 164 9.25 16.90 -18.16
C ASP A 164 9.32 18.39 -18.45
N ASN A 165 9.61 18.76 -19.69
CA ASN A 165 9.61 20.17 -20.12
C ASN A 165 8.20 20.54 -20.55
N THR A 166 7.45 21.18 -19.66
CA THR A 166 6.09 21.64 -19.97
C THR A 166 5.91 23.03 -19.37
N THR A 167 5.74 24.03 -20.23
CA THR A 167 5.61 25.42 -19.79
C THR A 167 4.17 25.84 -19.58
N LYS A 168 3.23 25.26 -20.33
CA LYS A 168 1.82 25.65 -20.28
C LYS A 168 1.00 24.49 -19.73
N LEU A 169 0.36 24.71 -18.58
CA LEU A 169 -0.43 23.66 -17.96
C LEU A 169 -1.68 23.37 -18.78
N ASN A 170 -1.91 22.09 -19.05
CA ASN A 170 -3.16 21.63 -19.65
C ASN A 170 -3.82 20.61 -18.75
N LEU A 171 -5.14 20.47 -18.92
CA LEU A 171 -6.01 19.62 -18.12
C LEU A 171 -6.53 18.45 -18.94
N PRO A 172 -6.85 17.32 -18.29
CA PRO A 172 -7.32 16.16 -19.06
C PRO A 172 -8.68 16.42 -19.67
N LYS A 173 -8.84 15.96 -20.91
CA LYS A 173 -10.17 15.84 -21.49
C LYS A 173 -11.00 14.89 -20.63
N SER A 174 -12.25 14.71 -21.03
CA SER A 174 -13.29 14.02 -20.26
C SER A 174 -13.55 14.70 -18.92
N LEU A 175 -12.95 15.88 -18.67
CA LEU A 175 -13.50 16.85 -17.74
C LEU A 175 -14.66 17.62 -18.37
N ASN A 176 -14.94 17.35 -19.66
CA ASN A 176 -16.03 17.93 -20.42
C ASN A 176 -15.90 19.43 -20.59
N ILE A 177 -14.71 20.00 -20.43
CA ILE A 177 -14.59 21.45 -20.48
C ILE A 177 -14.68 21.92 -21.94
N PRO A 178 -15.37 23.03 -22.22
CA PRO A 178 -15.69 23.37 -23.62
C PRO A 178 -14.46 23.86 -24.37
N ASN A 179 -14.49 23.65 -25.70
CA ASN A 179 -13.38 24.05 -26.55
C ASN A 179 -13.26 25.57 -26.68
N ASP A 180 -14.36 26.31 -26.46
CA ASP A 180 -14.28 27.77 -26.54
C ASP A 180 -13.47 28.35 -25.39
N ILE A 181 -13.59 27.76 -24.20
CA ILE A 181 -12.84 28.24 -23.04
C ILE A 181 -11.36 27.85 -23.13
N LEU A 182 -11.02 26.80 -23.88
CA LEU A 182 -9.63 26.39 -24.01
C LEU A 182 -8.86 27.27 -24.98
N ASN A 183 -9.52 27.79 -26.02
CA ASN A 183 -8.87 28.67 -26.98
C ASN A 183 -9.03 30.13 -26.59
N SER A 209 -4.05 41.89 -13.55
CA SER A 209 -2.85 41.07 -13.66
C SER A 209 -2.27 40.78 -12.29
N LYS A 210 -1.53 39.69 -12.17
CA LYS A 210 -0.93 39.29 -10.91
C LYS A 210 0.30 38.43 -11.18
N ARG A 211 1.24 38.46 -10.24
CA ARG A 211 2.43 37.62 -10.29
C ARG A 211 2.44 36.73 -9.06
N GLY A 212 2.48 35.42 -9.28
CA GLY A 212 2.43 34.46 -8.19
C GLY A 212 3.80 33.89 -7.89
N ILE A 213 4.11 33.80 -6.60
CA ILE A 213 5.36 33.23 -6.12
C ILE A 213 5.03 32.25 -5.01
N MET A 214 5.38 30.99 -5.19
CA MET A 214 5.26 29.98 -4.15
C MET A 214 6.65 29.64 -3.65
N SER A 215 6.81 29.72 -2.33
CA SER A 215 8.12 29.61 -1.69
C SER A 215 8.11 28.45 -0.69
N VAL A 216 9.04 27.53 -0.84
CA VAL A 216 9.12 26.35 0.00
C VAL A 216 10.41 26.38 0.81
N PHE A 217 10.31 25.97 2.07
CA PHE A 217 11.44 25.62 2.91
C PHE A 217 11.22 24.21 3.43
N VAL A 218 12.26 23.39 3.35
CA VAL A 218 12.22 22.03 3.86
C VAL A 218 13.38 21.82 4.83
N ARG A 219 13.10 21.11 5.93
CA ARG A 219 14.05 20.90 7.01
C ARG A 219 15.13 19.89 6.63
N SER A 220 16.11 19.74 7.51
CA SER A 220 17.12 18.72 7.38
C SER A 220 16.81 17.54 8.29
N ASN A 221 17.49 16.43 8.01
CA ASN A 221 17.36 15.21 8.79
C ASN A 221 18.71 14.52 8.78
N ASN A 222 18.80 13.37 9.44
CA ASN A 222 19.98 12.51 9.31
C ASN A 222 19.54 11.06 9.38
N ASN A 223 19.10 10.54 8.24
CA ASN A 223 18.81 9.11 8.07
C ASN A 223 19.10 8.79 6.61
N VAL A 224 20.22 8.13 6.36
CA VAL A 224 20.71 7.96 4.99
C VAL A 224 19.86 6.92 4.25
N ILE A 225 19.72 7.11 2.94
CA ILE A 225 18.78 6.33 2.13
C ILE A 225 19.22 4.87 2.07
N LYS A 226 18.29 3.96 2.34
CA LYS A 226 18.52 2.52 2.17
C LYS A 226 18.47 2.21 0.68
N GLY A 227 19.56 2.52 -0.02
CA GLY A 227 19.53 2.36 -1.45
C GLY A 227 20.90 2.33 -2.07
N CYS A 228 20.90 2.24 -3.41
CA CYS A 228 22.11 2.22 -4.21
C CYS A 228 22.18 3.52 -5.02
N ASP A 229 23.36 4.14 -5.03
CA ASP A 229 23.64 5.27 -5.91
C ASP A 229 24.66 4.82 -6.94
N PHE A 230 24.21 4.64 -8.18
CA PHE A 230 25.03 4.19 -9.30
C PHE A 230 25.78 5.33 -10.00
N GLY A 231 25.90 6.50 -9.38
CA GLY A 231 26.65 7.61 -9.95
C GLY A 231 27.94 7.84 -9.18
N ASN A 232 28.95 8.34 -9.86
CA ASN A 232 30.24 8.63 -9.24
C ASN A 232 30.15 10.00 -8.57
N ASN A 233 29.97 10.01 -7.26
CA ASN A 233 29.99 11.27 -6.51
C ASN A 233 30.24 10.97 -5.05
N ASN A 234 30.84 11.93 -4.36
CA ASN A 234 31.28 11.75 -2.97
C ASN A 234 30.24 12.24 -1.95
N LYS A 235 28.97 12.39 -2.33
CA LYS A 235 28.00 12.89 -1.36
C LYS A 235 27.43 11.78 -0.49
N ASN A 236 27.52 10.52 -0.94
CA ASN A 236 27.19 9.37 -0.11
C ASN A 236 25.81 9.51 0.52
N TYR A 237 24.82 9.84 -0.32
CA TYR A 237 23.45 9.94 0.15
C TYR A 237 22.77 8.59 0.33
N PHE A 238 23.39 7.51 -0.11
CA PHE A 238 22.73 6.21 -0.08
C PHE A 238 23.48 5.23 0.79
N SER A 239 22.77 4.17 1.15
CA SER A 239 23.36 3.07 1.90
C SER A 239 24.46 2.38 1.10
N HIS A 240 24.29 2.29 -0.22
CA HIS A 240 25.22 1.54 -1.08
C HIS A 240 25.64 2.34 -2.31
N PRO A 241 26.54 3.30 -2.15
CA PRO A 241 27.26 3.85 -3.32
C PRO A 241 28.37 2.90 -3.75
N ILE A 242 28.92 3.14 -4.95
CA ILE A 242 30.12 2.43 -5.40
C ILE A 242 31.39 3.31 -5.27
N SER A 243 31.23 4.62 -5.09
CA SER A 243 32.37 5.41 -4.60
C SER A 243 32.98 4.71 -3.38
N VAL A 244 32.13 4.26 -2.47
CA VAL A 244 32.53 3.36 -1.39
C VAL A 244 32.61 1.94 -1.93
N ALA A 245 33.77 1.30 -1.75
CA ALA A 245 33.98 -0.05 -2.25
C ALA A 245 33.15 -1.06 -1.47
N GLY A 246 32.88 -2.19 -2.12
CA GLY A 246 32.24 -3.32 -1.48
C GLY A 246 30.72 -3.33 -1.52
N LYS A 247 30.08 -2.17 -1.39
CA LYS A 247 28.62 -2.10 -1.41
C LYS A 247 28.03 -2.61 -2.72
N VAL A 248 28.88 -3.08 -3.65
CA VAL A 248 28.65 -3.04 -5.09
C VAL A 248 29.51 -4.10 -5.72
N ASN A 249 28.90 -5.13 -6.28
CA ASN A 249 29.74 -6.22 -6.73
C ASN A 249 29.19 -6.76 -8.04
N ASN A 250 30.06 -6.90 -9.05
CA ASN A 250 29.71 -7.53 -10.32
C ASN A 250 28.57 -6.78 -11.02
N LYS A 251 28.56 -5.46 -10.84
CA LYS A 251 27.51 -4.59 -11.36
C LYS A 251 26.13 -4.90 -10.77
N VAL A 252 26.05 -5.54 -9.61
CA VAL A 252 24.76 -5.77 -8.94
C VAL A 252 24.83 -5.26 -7.50
N CYS A 253 23.75 -4.64 -7.04
CA CYS A 253 23.64 -4.03 -5.72
C CYS A 253 22.55 -4.78 -4.96
N LYS A 254 22.94 -5.51 -3.92
CA LYS A 254 22.04 -6.45 -3.25
C LYS A 254 21.55 -5.83 -1.94
N ILE A 255 20.27 -5.52 -1.90
CA ILE A 255 19.64 -4.88 -0.74
C ILE A 255 18.54 -5.80 -0.23
N GLN A 256 18.35 -5.82 1.08
CA GLN A 256 17.23 -6.52 1.69
C GLN A 256 16.23 -5.51 2.20
N GLY A 257 14.95 -5.78 1.97
CA GLY A 257 13.90 -4.90 2.44
C GLY A 257 12.90 -5.60 3.33
N LYS A 258 12.55 -4.95 4.45
CA LYS A 258 11.58 -5.46 5.40
C LYS A 258 10.24 -4.75 5.23
N PRO A 259 9.15 -5.42 5.57
CA PRO A 259 7.81 -4.81 5.47
C PRO A 259 7.76 -3.42 6.08
N GLY A 260 7.26 -2.47 5.31
CA GLY A 260 7.12 -1.10 5.75
C GLY A 260 8.27 -0.19 5.39
N GLU A 261 9.44 -0.75 5.07
CA GLU A 261 10.61 0.06 4.74
C GLU A 261 10.47 0.70 3.37
N LEU A 262 11.18 1.82 3.18
CA LEU A 262 11.29 2.48 1.89
C LEU A 262 12.71 2.33 1.38
N VAL A 263 12.86 1.67 0.22
CA VAL A 263 14.16 1.46 -0.38
C VAL A 263 14.14 2.04 -1.79
N GLY A 264 15.27 1.99 -2.48
CA GLY A 264 15.32 2.49 -3.84
C GLY A 264 16.74 2.54 -4.39
N PHE A 265 16.85 3.17 -5.55
CA PHE A 265 18.11 3.27 -6.26
C PHE A 265 18.05 4.46 -7.22
N LYS A 266 19.23 4.94 -7.59
CA LYS A 266 19.36 6.08 -8.50
C LYS A 266 20.47 5.78 -9.49
N CYS A 267 20.16 5.80 -10.77
CA CYS A 267 21.12 5.50 -11.82
C CYS A 267 22.08 6.67 -12.03
N ALA A 268 23.24 6.38 -12.63
CA ALA A 268 24.15 7.43 -13.04
C ALA A 268 23.42 8.40 -13.97
N PHE A 269 23.70 9.70 -13.81
CA PHE A 269 22.91 10.72 -14.48
C PHE A 269 23.28 10.85 -15.95
N GLU A 270 22.25 11.00 -16.77
CA GLU A 270 22.32 11.26 -18.20
C GLU A 270 20.92 11.64 -18.64
N GLU A 271 20.83 12.39 -19.73
CA GLU A 271 19.55 12.99 -20.10
C GLU A 271 18.60 11.97 -20.73
N ASN A 272 19.11 11.09 -21.57
CA ASN A 272 18.21 10.12 -22.22
C ASN A 272 18.51 8.67 -21.84
N GLY A 273 18.62 8.37 -20.54
CA GLY A 273 18.72 7.00 -20.07
C GLY A 273 17.35 6.36 -19.81
N LYS A 274 17.37 5.06 -19.54
CA LYS A 274 16.17 4.25 -19.44
C LYS A 274 16.35 3.23 -18.30
N VAL A 275 15.22 2.71 -17.81
CA VAL A 275 15.24 1.64 -16.81
C VAL A 275 14.52 0.40 -17.34
N GLU A 276 15.02 -0.77 -16.93
CA GLU A 276 14.41 -2.07 -17.23
C GLU A 276 13.85 -2.68 -15.96
N PRO A 277 12.58 -3.11 -15.95
CA PRO A 277 11.57 -2.82 -16.98
C PRO A 277 11.20 -1.33 -17.02
N PRO A 278 10.67 -0.87 -18.14
CA PRO A 278 10.35 0.55 -18.30
C PRO A 278 9.43 1.10 -17.21
N ASN A 279 8.69 0.23 -16.52
CA ASN A 279 7.64 0.63 -15.58
C ASN A 279 8.01 0.34 -14.12
N CYS A 280 9.29 0.02 -13.86
CA CYS A 280 9.83 -0.10 -12.50
C CYS A 280 9.51 1.15 -11.69
N PHE A 281 8.92 0.98 -10.51
CA PHE A 281 8.74 -0.31 -9.82
C PHE A 281 7.45 -1.05 -10.15
N ASP A 282 6.53 -0.43 -10.88
CA ASP A 282 5.23 -1.06 -11.09
C ASP A 282 5.34 -2.38 -11.84
N GLN A 283 6.40 -2.57 -12.60
CA GLN A 283 6.70 -3.86 -13.20
C GLN A 283 8.18 -4.13 -12.96
N VAL A 284 8.49 -5.30 -12.42
CA VAL A 284 9.85 -5.63 -12.06
C VAL A 284 10.26 -6.93 -12.71
N LEU A 285 11.52 -7.29 -12.54
CA LEU A 285 12.02 -8.60 -12.93
C LEU A 285 11.88 -9.54 -11.73
N HIS A 286 11.16 -10.63 -11.93
CA HIS A 286 10.96 -11.64 -10.90
C HIS A 286 11.03 -13.01 -11.56
N LYS A 287 11.91 -13.87 -11.06
CA LYS A 287 12.18 -15.17 -11.68
C LYS A 287 12.50 -14.97 -13.16
N ASN A 288 13.32 -13.96 -13.44
CA ASN A 288 13.75 -13.59 -14.79
C ASN A 288 12.58 -13.51 -15.77
N LYS A 289 11.48 -12.90 -15.31
CA LYS A 289 10.40 -12.53 -16.21
C LYS A 289 9.74 -11.28 -15.66
N VAL A 290 9.21 -10.46 -16.58
CA VAL A 290 8.63 -9.17 -16.23
C VAL A 290 7.29 -9.40 -15.54
N THR A 291 7.21 -9.10 -14.25
CA THR A 291 6.00 -9.34 -13.47
C THR A 291 5.47 -8.04 -12.86
N ASP A 292 4.14 -7.95 -12.78
CA ASP A 292 3.51 -6.83 -12.10
C ASP A 292 3.77 -6.93 -10.60
N LEU A 293 4.31 -5.87 -10.01
CA LEU A 293 4.65 -5.93 -8.59
C LEU A 293 3.42 -6.21 -7.75
N LYS A 294 2.25 -5.72 -8.18
CA LYS A 294 1.01 -5.92 -7.43
C LYS A 294 0.67 -7.39 -7.24
N THR A 295 1.24 -8.29 -8.03
CA THR A 295 0.98 -9.71 -7.81
C THR A 295 1.84 -10.28 -6.69
N LEU A 296 2.93 -9.60 -6.32
CA LEU A 296 3.82 -10.07 -5.27
C LEU A 296 3.60 -9.36 -3.94
N ILE A 297 3.60 -8.03 -3.93
CA ILE A 297 3.40 -7.30 -2.68
C ILE A 297 2.31 -6.25 -2.85
N PRO A 298 1.06 -6.66 -3.03
CA PRO A 298 -0.02 -5.66 -3.15
C PRO A 298 -0.04 -4.75 -1.94
N GLY A 299 -0.44 -3.51 -2.17
CA GLY A 299 -0.40 -2.49 -1.14
C GLY A 299 0.84 -1.62 -1.16
N TYR A 300 1.72 -1.79 -2.15
CA TYR A 300 2.97 -1.04 -2.21
C TYR A 300 2.74 0.38 -2.73
N ALA A 301 3.75 1.21 -2.55
CA ALA A 301 3.79 2.54 -3.13
C ALA A 301 5.13 2.74 -3.85
N SER A 302 5.17 3.72 -4.75
CA SER A 302 6.38 3.98 -5.52
C SER A 302 6.51 5.47 -5.79
N TYR A 303 7.75 5.89 -6.04
CA TYR A 303 8.08 7.30 -6.32
C TYR A 303 9.13 7.28 -7.42
N THR A 304 8.69 7.43 -8.67
CA THR A 304 9.54 7.22 -9.83
C THR A 304 9.16 8.20 -10.93
N ASN A 305 10.01 8.27 -11.95
CA ASN A 305 9.74 9.08 -13.14
C ASN A 305 9.64 8.15 -14.35
N LYS A 306 8.48 8.17 -15.01
CA LYS A 306 8.20 7.23 -16.09
C LYS A 306 8.95 7.54 -17.39
N HIS A 307 9.49 8.74 -17.53
CA HIS A 307 10.03 9.22 -18.81
C HIS A 307 11.53 9.03 -18.98
N SER A 308 12.28 8.72 -17.94
CA SER A 308 13.73 8.61 -18.03
C SER A 308 14.24 8.01 -16.72
N SER A 309 15.55 7.88 -16.63
CA SER A 309 16.20 7.38 -15.43
C SER A 309 16.86 8.50 -14.64
N LYS A 310 16.60 9.77 -15.01
CA LYS A 310 17.33 10.89 -14.42
C LYS A 310 17.16 10.94 -12.91
N TYR A 311 15.96 10.70 -12.43
CA TYR A 311 15.52 10.77 -11.04
C TYR A 311 15.59 9.38 -10.38
N PRO A 312 15.71 9.36 -9.06
CA PRO A 312 15.74 8.08 -8.33
C PRO A 312 14.44 7.30 -8.48
N TYR A 313 14.47 6.08 -7.96
CA TYR A 313 13.33 5.16 -7.94
C TYR A 313 13.16 4.68 -6.51
N TYR A 314 11.97 4.89 -5.94
CA TYR A 314 11.71 4.51 -4.55
C TYR A 314 10.52 3.58 -4.46
N LEU A 315 10.67 2.54 -3.66
CA LEU A 315 9.61 1.59 -3.37
C LEU A 315 9.35 1.58 -1.87
N LYS A 316 8.12 1.87 -1.47
CA LYS A 316 7.68 1.67 -0.10
C LYS A 316 7.03 0.29 -0.02
N ILE A 317 7.71 -0.63 0.67
CA ILE A 317 7.19 -2.00 0.82
C ILE A 317 5.93 -1.95 1.67
N PRO A 318 4.87 -2.69 1.32
CA PRO A 318 3.61 -2.61 2.07
C PRO A 318 3.73 -3.03 3.54
N HIS A 319 2.63 -2.87 4.29
CA HIS A 319 2.67 -3.25 5.69
C HIS A 319 2.73 -4.75 5.90
N PHE A 320 2.47 -5.55 4.88
CA PHE A 320 2.46 -7.00 5.02
C PHE A 320 2.92 -7.60 3.71
N VAL A 321 4.01 -8.35 3.73
CA VAL A 321 4.36 -9.17 2.58
C VAL A 321 4.33 -10.61 3.05
N ASN A 322 3.83 -11.49 2.19
CA ASN A 322 3.40 -12.82 2.61
C ASN A 322 4.48 -13.88 2.46
N GLU A 323 5.27 -13.81 1.41
CA GLU A 323 6.38 -14.73 1.19
C GLU A 323 7.68 -13.93 1.14
N GLN A 324 8.76 -14.63 0.81
CA GLN A 324 9.98 -13.99 0.36
C GLN A 324 9.91 -13.81 -1.14
N TYR A 325 10.40 -12.68 -1.63
CA TYR A 325 10.40 -12.37 -3.05
C TYR A 325 11.72 -11.69 -3.40
N THR A 326 12.43 -12.23 -4.39
CA THR A 326 13.56 -11.54 -5.00
C THR A 326 13.08 -10.84 -6.28
N ILE A 327 13.28 -9.53 -6.35
CA ILE A 327 12.97 -8.75 -7.54
C ILE A 327 14.18 -7.91 -7.91
N GLN A 328 14.16 -7.38 -9.13
CA GLN A 328 15.21 -6.47 -9.54
C GLN A 328 14.73 -5.54 -10.63
N CYS A 329 15.48 -4.45 -10.78
CA CYS A 329 15.39 -3.53 -11.91
C CYS A 329 16.80 -3.20 -12.35
N LYS A 330 16.95 -2.81 -13.62
CA LYS A 330 18.27 -2.55 -14.18
C LYS A 330 18.33 -1.15 -14.79
N CYS A 331 19.45 -0.48 -14.55
CA CYS A 331 19.78 0.74 -15.29
C CYS A 331 20.31 0.37 -16.67
N LYS A 332 19.85 1.09 -17.68
CA LYS A 332 20.20 0.74 -19.06
C LYS A 332 20.65 1.99 -19.79
N SER A 333 21.78 1.89 -20.50
CA SER A 333 22.38 3.07 -21.09
C SER A 333 23.21 2.68 -22.31
N ASN A 334 23.50 3.66 -23.17
CA ASN A 334 24.47 3.44 -24.22
C ASN A 334 25.89 3.43 -23.69
N ASN A 335 26.08 3.75 -22.41
CA ASN A 335 27.37 3.67 -21.74
C ASN A 335 27.36 2.42 -20.87
N SER A 336 28.12 1.40 -21.27
CA SER A 336 28.10 0.13 -20.55
C SER A 336 28.65 0.26 -19.14
N GLN A 337 29.45 1.29 -18.86
CA GLN A 337 29.94 1.51 -17.49
C GLN A 337 28.86 2.07 -16.57
N ASN A 338 27.69 2.42 -17.08
CA ASN A 338 26.62 2.98 -16.29
C ASN A 338 25.46 2.02 -16.08
N GLU A 339 25.65 0.74 -16.38
CA GLU A 339 24.56 -0.24 -16.35
C GLU A 339 24.73 -1.16 -15.14
N TYR A 340 23.81 -1.06 -14.18
CA TYR A 340 23.85 -1.87 -12.98
C TYR A 340 22.48 -2.49 -12.73
N THR A 341 22.47 -3.57 -11.97
CA THR A 341 21.25 -4.23 -11.51
C THR A 341 20.98 -3.87 -10.06
N PHE A 342 19.74 -3.51 -9.76
CA PHE A 342 19.28 -3.26 -8.40
C PHE A 342 18.49 -4.49 -7.96
N GLU A 343 19.12 -5.32 -7.13
CA GLU A 343 18.50 -6.55 -6.65
C GLU A 343 17.95 -6.32 -5.24
N LEU A 344 16.70 -6.72 -5.02
CA LEU A 344 16.00 -6.44 -3.77
C LEU A 344 15.48 -7.74 -3.17
N ASP A 345 15.89 -8.03 -1.94
CA ASP A 345 15.38 -9.15 -1.17
C ASP A 345 14.26 -8.63 -0.27
N ILE A 346 13.03 -9.00 -0.57
CA ILE A 346 11.87 -8.60 0.22
C ILE A 346 11.48 -9.76 1.13
N GLN A 347 11.58 -9.54 2.43
CA GLN A 347 11.46 -10.46 3.56
C GLN A 347 10.06 -10.40 4.14
N PRO A 348 9.41 -11.53 4.39
CA PRO A 348 8.03 -11.49 4.89
C PRO A 348 7.92 -10.94 6.31
N GLY A 349 6.72 -10.48 6.65
CA GLY A 349 6.46 -9.98 7.98
C GLY A 349 5.26 -9.04 8.01
N GLU A 350 5.12 -8.36 9.15
CA GLU A 350 4.03 -7.43 9.40
C GLU A 350 4.59 -6.15 10.02
N SER A 351 3.74 -5.13 10.09
CA SER A 351 4.13 -3.81 10.57
C SER A 351 2.88 -3.00 10.92
N ASN B 4 2.47 -19.32 23.98
CA ASN B 4 1.62 -18.17 23.72
C ASN B 4 0.48 -18.56 22.77
N LEU B 5 0.42 -17.87 21.62
CA LEU B 5 -0.43 -18.24 20.51
C LEU B 5 0.36 -18.93 19.40
N THR B 6 1.60 -19.33 19.71
CA THR B 6 2.47 -20.02 18.78
C THR B 6 2.74 -21.42 19.28
N CYS B 7 2.79 -22.35 18.33
CA CYS B 7 3.10 -23.77 18.58
C CYS B 7 4.50 -24.02 18.01
N ASP B 8 5.51 -23.57 18.75
CA ASP B 8 6.91 -23.83 18.41
C ASP B 8 7.20 -25.31 18.61
N PHE B 9 7.82 -25.95 17.61
CA PHE B 9 8.26 -27.34 17.74
C PHE B 9 9.76 -27.48 17.81
N ASN B 10 10.50 -26.36 17.79
CA ASN B 10 11.95 -26.37 17.88
C ASN B 10 12.44 -26.05 19.28
N ASP B 11 12.08 -24.86 19.79
CA ASP B 11 12.58 -24.39 21.08
C ASP B 11 11.63 -24.64 22.24
N VAL B 12 10.34 -24.82 21.98
CA VAL B 12 9.39 -25.37 22.93
C VAL B 12 8.71 -26.54 22.23
N TYR B 13 7.98 -27.34 23.02
CA TYR B 13 7.36 -28.57 22.50
C TYR B 13 8.37 -29.42 21.73
N LYS B 14 9.61 -29.47 22.20
CA LYS B 14 10.73 -30.00 21.43
C LYS B 14 10.44 -31.38 20.87
N LEU B 15 10.84 -31.61 19.62
CA LEU B 15 10.59 -32.88 18.93
C LEU B 15 11.87 -33.69 18.71
N GLU B 16 12.94 -33.39 19.43
CA GLU B 16 14.15 -34.20 19.37
C GLU B 16 13.86 -35.63 19.83
N PHE B 17 14.67 -36.56 19.34
CA PHE B 17 14.57 -37.95 19.78
C PHE B 17 15.43 -38.15 21.03
N HIS B 18 14.91 -38.92 21.98
CA HIS B 18 15.73 -39.37 23.09
C HIS B 18 16.51 -40.60 22.65
N PRO B 19 17.59 -40.94 23.36
CA PRO B 19 18.42 -42.08 22.95
C PRO B 19 17.67 -43.40 23.00
N ASN B 20 18.04 -44.29 22.07
CA ASN B 20 17.51 -45.66 21.97
C ASN B 20 16.00 -45.69 21.74
N GLN B 21 15.46 -44.56 21.29
CA GLN B 21 14.04 -44.47 20.95
C GLN B 21 13.68 -45.58 19.97
N GLN B 22 12.55 -46.24 20.23
CA GLN B 22 12.11 -47.34 19.37
C GLN B 22 10.62 -47.25 19.09
N THR B 23 9.97 -46.17 19.50
CA THR B 23 8.55 -45.98 19.28
C THR B 23 8.31 -44.49 19.07
N SER B 24 7.18 -44.20 18.46
CA SER B 24 6.89 -42.85 18.00
C SER B 24 5.86 -42.23 18.92
N VAL B 25 6.14 -41.02 19.40
CA VAL B 25 5.22 -40.33 20.30
C VAL B 25 4.70 -39.07 19.60
N THR B 26 3.64 -38.51 20.15
CA THR B 26 2.86 -37.48 19.49
C THR B 26 2.51 -36.40 20.53
N LYS B 27 3.21 -35.28 20.47
CA LYS B 27 2.83 -34.14 21.30
C LYS B 27 1.75 -33.33 20.60
N LEU B 28 0.81 -32.81 21.39
CA LEU B 28 -0.29 -32.00 20.90
C LEU B 28 -0.17 -30.56 21.39
N CYS B 29 -0.40 -29.61 20.48
CA CYS B 29 -0.37 -28.18 20.83
C CYS B 29 -1.72 -27.56 20.48
N ASN B 30 -2.65 -27.55 21.42
CA ASN B 30 -3.99 -27.02 21.19
C ASN B 30 -4.04 -25.52 21.49
N LEU B 31 -4.59 -24.75 20.53
CA LEU B 31 -4.79 -23.30 20.69
C LEU B 31 -6.26 -22.93 20.50
N THR B 32 -6.75 -22.00 21.33
CA THR B 32 -8.13 -21.52 21.24
C THR B 32 -8.08 -20.00 21.11
N PRO B 33 -7.84 -19.47 19.92
CA PRO B 33 -7.73 -18.03 19.75
C PRO B 33 -9.11 -17.37 19.66
N ASN B 34 -9.09 -16.05 19.81
CA ASN B 34 -10.25 -15.21 19.52
C ASN B 34 -10.18 -14.71 18.09
N VAL B 35 -11.34 -14.29 17.58
CA VAL B 35 -11.42 -13.76 16.23
C VAL B 35 -10.38 -12.66 16.04
N LEU B 36 -9.75 -12.66 14.87
CA LEU B 36 -8.77 -11.68 14.38
C LEU B 36 -7.39 -11.88 14.99
N GLU B 37 -7.19 -12.88 15.86
CA GLU B 37 -5.88 -13.11 16.44
C GLU B 37 -5.01 -13.93 15.49
N LYS B 38 -3.71 -13.91 15.74
CA LYS B 38 -2.74 -14.56 14.86
C LYS B 38 -2.18 -15.82 15.53
N VAL B 39 -2.30 -16.95 14.83
CA VAL B 39 -1.69 -18.21 15.25
C VAL B 39 -0.44 -18.46 14.41
N THR B 40 0.52 -19.20 14.97
CA THR B 40 1.80 -19.35 14.30
C THR B 40 2.36 -20.74 14.59
N ILE B 41 2.92 -21.36 13.56
CA ILE B 41 3.59 -22.65 13.67
C ILE B 41 5.06 -22.45 13.33
N LYS B 42 5.94 -22.77 14.28
CA LYS B 42 7.37 -22.84 14.02
C LYS B 42 7.76 -24.31 13.96
N CYS B 43 8.31 -24.74 12.82
CA CYS B 43 8.74 -26.13 12.71
C CYS B 43 9.89 -26.27 11.74
N GLY B 44 11.00 -26.83 12.22
CA GLY B 44 12.19 -26.99 11.42
C GLY B 44 13.03 -25.73 11.38
N SER B 45 14.29 -25.89 11.01
CA SER B 45 15.22 -24.77 10.89
C SER B 45 16.46 -25.23 10.11
N ASP B 46 17.46 -24.36 10.02
CA ASP B 46 18.73 -24.74 9.43
C ASP B 46 19.47 -25.76 10.28
N LYS B 47 19.01 -26.02 11.51
CA LYS B 47 19.61 -27.03 12.38
C LYS B 47 18.62 -28.09 12.85
N LEU B 48 17.42 -28.15 12.25
CA LEU B 48 16.40 -29.10 12.70
C LEU B 48 15.56 -29.52 11.49
N ASN B 49 15.72 -30.77 11.04
CA ASN B 49 15.09 -31.25 9.81
C ASN B 49 13.68 -31.78 10.11
N TYR B 50 12.77 -30.85 10.40
CA TYR B 50 11.36 -31.14 10.55
C TYR B 50 10.61 -30.62 9.35
N ASN B 51 9.60 -31.37 8.89
CA ASN B 51 8.77 -30.98 7.77
C ASN B 51 7.32 -30.83 8.23
N LEU B 52 6.61 -29.89 7.61
CA LEU B 52 5.22 -29.65 7.94
C LEU B 52 4.29 -30.37 6.98
N TYR B 53 3.14 -30.78 7.48
CA TYR B 53 2.14 -31.50 6.70
C TYR B 53 0.78 -30.88 6.99
N PRO B 54 0.10 -30.31 5.99
CA PRO B 54 0.47 -30.17 4.57
C PRO B 54 1.47 -29.03 4.37
N PRO B 55 2.46 -29.17 3.47
CA PRO B 55 3.50 -28.15 3.36
C PRO B 55 2.97 -26.78 2.95
N THR B 56 1.69 -26.69 2.61
CA THR B 56 1.06 -25.44 2.20
C THR B 56 0.18 -24.87 3.30
N CYS B 57 0.23 -25.46 4.49
CA CYS B 57 -0.46 -24.91 5.66
C CYS B 57 0.11 -23.53 6.00
N PHE B 58 -0.77 -22.58 6.29
CA PHE B 58 -2.19 -22.82 6.59
C PHE B 58 -3.13 -22.79 5.39
N GLU B 59 -2.61 -22.53 4.19
CA GLU B 59 -3.50 -22.43 3.03
C GLU B 59 -4.21 -23.76 2.76
N GLU B 60 -3.60 -24.88 3.16
CA GLU B 60 -4.26 -26.17 3.17
C GLU B 60 -4.14 -26.74 4.57
N VAL B 61 -5.23 -27.32 5.08
CA VAL B 61 -5.28 -27.85 6.44
C VAL B 61 -6.02 -29.17 6.42
N TYR B 62 -5.97 -29.87 7.54
CA TYR B 62 -6.72 -31.11 7.70
C TYR B 62 -7.88 -30.87 8.64
N ALA B 63 -9.01 -31.52 8.35
CA ALA B 63 -10.25 -31.34 9.08
C ALA B 63 -10.37 -32.27 10.29
N SER B 64 -9.34 -33.08 10.55
CA SER B 64 -9.35 -34.06 11.62
C SER B 64 -7.91 -34.47 11.88
N ARG B 65 -7.66 -34.97 13.10
CA ARG B 65 -6.29 -35.24 13.50
C ARG B 65 -5.64 -36.38 12.75
N ASN B 66 -6.41 -37.13 11.95
CA ASN B 66 -5.91 -38.37 11.35
C ASN B 66 -5.48 -38.21 9.91
N MET B 67 -5.21 -36.98 9.47
CA MET B 67 -4.60 -36.72 8.15
C MET B 67 -5.41 -37.32 7.01
N MET B 68 -6.73 -37.37 7.17
CA MET B 68 -7.65 -37.61 6.07
C MET B 68 -8.50 -36.37 5.90
N HIS B 69 -9.22 -36.31 4.79
CA HIS B 69 -10.04 -35.16 4.44
C HIS B 69 -9.22 -33.87 4.51
N LEU B 70 -8.22 -33.82 3.64
CA LEU B 70 -7.47 -32.59 3.39
C LEU B 70 -8.37 -31.57 2.70
N LYS B 71 -8.32 -30.33 3.18
CA LYS B 71 -9.21 -29.29 2.67
C LYS B 71 -8.46 -27.97 2.53
N LYS B 72 -9.06 -27.06 1.76
CA LYS B 72 -8.48 -25.76 1.45
C LYS B 72 -9.15 -24.69 2.31
N ILE B 73 -8.33 -23.93 3.04
CA ILE B 73 -8.87 -23.06 4.09
C ILE B 73 -9.72 -21.94 3.52
N LYS B 74 -9.40 -21.45 2.31
CA LYS B 74 -10.21 -20.40 1.70
C LYS B 74 -11.67 -20.80 1.62
N GLU B 75 -11.95 -22.11 1.55
CA GLU B 75 -13.30 -22.62 1.43
C GLU B 75 -13.80 -23.34 2.68
N PHE B 76 -12.89 -23.80 3.54
CA PHE B 76 -13.25 -24.51 4.77
C PHE B 76 -13.47 -23.57 5.94
N VAL B 77 -12.71 -22.47 5.99
CA VAL B 77 -12.80 -21.45 7.03
C VAL B 77 -12.88 -20.09 6.35
N ILE B 78 -14.03 -19.75 5.77
CA ILE B 78 -14.18 -18.51 5.03
C ILE B 78 -13.68 -17.33 5.87
N GLY B 79 -13.00 -16.40 5.21
CA GLY B 79 -12.58 -15.16 5.81
C GLY B 79 -11.14 -15.13 6.28
N SER B 80 -10.48 -16.28 6.36
CA SER B 80 -9.10 -16.33 6.84
C SER B 80 -8.20 -15.41 6.04
N SER B 81 -7.26 -14.76 6.73
CA SER B 81 -6.47 -13.66 6.17
C SER B 81 -5.02 -13.82 6.60
N MET B 82 -4.18 -12.93 6.08
CA MET B 82 -2.79 -12.70 6.50
C MET B 82 -1.99 -14.00 6.61
N PHE B 83 -1.91 -14.72 5.50
CA PHE B 83 -1.15 -15.98 5.44
C PHE B 83 0.32 -15.65 5.19
N MET B 84 1.17 -15.85 6.20
CA MET B 84 2.59 -15.60 6.07
C MET B 84 3.38 -16.91 6.08
N ARG B 85 4.44 -16.96 5.28
CA ARG B 85 5.33 -18.12 5.20
C ARG B 85 6.76 -17.63 5.19
N ARG B 86 7.55 -18.11 6.16
CA ARG B 86 8.94 -17.69 6.34
C ARG B 86 9.85 -18.90 6.44
N SER B 87 10.95 -18.87 5.71
CA SER B 87 11.87 -20.00 5.58
C SER B 87 13.20 -19.71 6.26
N LEU B 88 13.87 -20.77 6.72
CA LEU B 88 15.20 -20.62 7.30
C LEU B 88 16.17 -21.65 6.72
N THR B 89 15.67 -22.86 6.38
CA THR B 89 16.48 -23.73 5.56
C THR B 89 16.05 -23.61 4.10
N PRO B 90 16.97 -23.74 3.15
CA PRO B 90 16.57 -23.68 1.75
C PRO B 90 15.64 -24.84 1.37
N ASN B 91 14.74 -24.55 0.43
CA ASN B 91 13.87 -25.54 -0.20
C ASN B 91 12.84 -26.13 0.76
N LYS B 92 12.58 -25.45 1.89
CA LYS B 92 11.51 -25.78 2.84
C LYS B 92 11.26 -24.57 3.74
N ILE B 93 9.99 -24.33 4.06
CA ILE B 93 9.53 -23.18 4.84
C ILE B 93 9.14 -23.64 6.23
N ASN B 94 9.44 -22.82 7.24
CA ASN B 94 9.45 -23.29 8.61
C ASN B 94 8.61 -22.49 9.60
N GLU B 95 8.15 -21.28 9.28
CA GLU B 95 7.33 -20.48 10.18
C GLU B 95 6.13 -19.95 9.42
N VAL B 96 4.94 -20.43 9.75
CA VAL B 96 3.72 -20.04 9.07
C VAL B 96 2.77 -19.39 10.08
N SER B 97 1.85 -18.56 9.57
CA SER B 97 0.92 -17.84 10.43
C SER B 97 -0.27 -17.35 9.62
N PHE B 98 -1.41 -17.20 10.29
CA PHE B 98 -2.58 -16.56 9.70
C PHE B 98 -3.49 -16.01 10.79
N ARG B 99 -4.49 -15.24 10.38
CA ARG B 99 -5.39 -14.52 11.29
C ARG B 99 -6.77 -15.16 11.30
N ILE B 100 -7.26 -15.46 12.50
CA ILE B 100 -8.53 -16.18 12.67
C ILE B 100 -9.68 -15.32 12.17
N PRO B 101 -10.57 -15.85 11.35
CA PRO B 101 -11.65 -15.03 10.78
C PRO B 101 -12.90 -15.10 11.63
N PRO B 102 -13.86 -14.21 11.40
CA PRO B 102 -15.17 -14.34 12.03
C PRO B 102 -15.86 -15.62 11.61
N ASN B 103 -16.52 -16.28 12.57
CA ASN B 103 -17.28 -17.48 12.31
C ASN B 103 -18.62 -17.42 13.03
N MET B 104 -19.69 -17.71 12.30
CA MET B 104 -21.04 -17.76 12.85
C MET B 104 -21.53 -19.16 13.08
N MET B 105 -20.91 -20.15 12.45
CA MET B 105 -21.25 -21.55 12.65
C MET B 105 -20.65 -22.04 13.96
N PRO B 106 -21.02 -23.24 14.42
CA PRO B 106 -20.37 -23.82 15.59
C PRO B 106 -18.86 -23.85 15.45
N GLU B 107 -18.17 -23.86 16.60
CA GLU B 107 -16.74 -24.04 16.62
C GLU B 107 -16.36 -25.31 15.86
N LYS B 108 -15.12 -25.35 15.38
CA LYS B 108 -14.58 -26.52 14.71
C LYS B 108 -13.08 -26.40 14.67
N PRO B 109 -12.34 -27.50 14.73
CA PRO B 109 -10.88 -27.42 14.65
C PRO B 109 -10.35 -27.55 13.23
N ILE B 110 -9.13 -27.06 13.04
CA ILE B 110 -8.34 -27.33 11.85
C ILE B 110 -6.98 -27.81 12.32
N TYR B 111 -6.36 -28.66 11.51
CA TYR B 111 -5.16 -29.37 11.90
C TYR B 111 -4.07 -29.19 10.87
N CYS B 112 -2.84 -29.17 11.37
CA CYS B 112 -1.62 -29.23 10.58
C CYS B 112 -0.62 -30.00 11.42
N PHE B 113 0.07 -30.97 10.81
CA PHE B 113 0.98 -31.81 11.55
C PHE B 113 2.42 -31.41 11.29
N CYS B 114 3.31 -31.83 12.18
CA CYS B 114 4.73 -31.63 11.95
C CYS B 114 5.49 -32.85 12.45
N GLU B 115 6.23 -33.48 11.56
CA GLU B 115 6.83 -34.77 11.82
C GLU B 115 8.35 -34.66 11.83
N ASN B 116 8.97 -35.40 12.74
CA ASN B 116 10.41 -35.65 12.72
C ASN B 116 10.60 -37.13 12.45
N LYS B 117 11.30 -37.47 11.37
CA LYS B 117 11.38 -38.84 10.90
C LYS B 117 12.82 -39.30 10.85
N LYS B 118 13.03 -40.59 11.12
CA LYS B 118 14.35 -41.20 11.15
C LYS B 118 14.16 -42.71 11.07
N THR B 119 15.02 -43.37 10.32
CA THR B 119 14.99 -44.83 10.21
C THR B 119 15.95 -45.45 11.22
N ILE B 120 15.46 -46.45 11.94
CA ILE B 120 16.28 -47.18 12.90
C ILE B 120 16.59 -48.57 12.35
N THR B 121 17.50 -49.26 13.02
CA THR B 121 17.87 -50.61 12.63
C THR B 121 17.63 -51.57 13.80
N SER B 131 14.63 -56.72 11.79
CA SER B 131 14.24 -55.88 10.66
C SER B 131 14.51 -54.40 10.96
N LYS B 132 13.96 -53.51 10.12
CA LYS B 132 14.13 -52.08 10.27
C LYS B 132 12.78 -51.39 10.27
N LYS B 133 12.75 -50.16 10.78
CA LYS B 133 11.52 -49.37 10.83
C LYS B 133 11.86 -47.89 10.87
N ASP B 134 10.82 -47.06 10.82
CA ASP B 134 10.97 -45.60 10.88
C ASP B 134 10.07 -45.06 11.98
N ILE B 135 10.62 -44.18 12.82
CA ILE B 135 9.94 -43.67 14.00
C ILE B 135 9.75 -42.16 13.87
N ILE B 136 8.59 -41.67 14.32
CA ILE B 136 8.18 -40.29 14.06
C ILE B 136 7.79 -39.61 15.36
N ASN B 137 8.36 -38.43 15.60
CA ASN B 137 7.90 -37.58 16.69
C ASN B 137 6.97 -36.52 16.10
N ARG B 138 5.70 -36.91 15.95
CA ARG B 138 4.71 -36.04 15.35
C ARG B 138 4.25 -34.98 16.35
N GLY B 139 3.91 -33.81 15.83
CA GLY B 139 3.35 -32.76 16.64
C GLY B 139 2.11 -32.18 16.00
N ILE B 140 0.97 -32.37 16.65
CA ILE B 140 -0.32 -31.95 16.10
C ILE B 140 -0.64 -30.55 16.58
N VAL B 141 -1.00 -29.69 15.63
CA VAL B 141 -1.41 -28.33 15.95
C VAL B 141 -2.92 -28.26 15.79
N GLU B 142 -3.62 -28.10 16.91
CA GLU B 142 -5.08 -28.10 16.94
C GLU B 142 -5.55 -26.68 17.27
N ILE B 143 -6.14 -26.04 16.27
CA ILE B 143 -6.70 -24.69 16.41
C ILE B 143 -8.22 -24.81 16.37
N ILE B 144 -8.87 -24.12 17.28
CA ILE B 144 -10.34 -24.08 17.34
C ILE B 144 -10.75 -22.73 16.78
N ILE B 145 -11.67 -22.72 15.82
CA ILE B 145 -12.21 -21.50 15.26
C ILE B 145 -13.34 -21.04 16.18
N PRO B 146 -13.24 -19.86 16.79
CA PRO B 146 -14.30 -19.42 17.69
C PRO B 146 -15.60 -19.19 16.95
N SER B 147 -16.70 -19.33 17.67
CA SER B 147 -18.02 -19.02 17.14
C SER B 147 -18.48 -17.68 17.70
N LEU B 148 -19.02 -16.85 16.82
CA LEU B 148 -19.68 -15.62 17.21
C LEU B 148 -21.19 -15.79 17.03
N ASN B 149 -21.95 -14.81 17.50
CA ASN B 149 -23.38 -14.91 17.41
C ASN B 149 -24.02 -13.91 16.46
N GLU B 150 -23.36 -12.77 16.22
CA GLU B 150 -23.80 -11.84 15.20
C GLU B 150 -22.75 -11.72 14.09
N LYS B 151 -23.22 -11.72 12.85
CA LYS B 151 -22.34 -11.47 11.71
C LYS B 151 -21.65 -10.11 11.85
N VAL B 152 -20.61 -9.93 11.05
CA VAL B 152 -19.82 -8.71 11.15
C VAL B 152 -20.57 -7.58 10.45
N LYS B 153 -20.59 -6.42 11.10
CA LYS B 153 -21.19 -5.25 10.47
C LYS B 153 -20.30 -4.81 9.32
N GLY B 154 -20.59 -5.27 8.12
CA GLY B 154 -19.71 -5.00 7.00
C GLY B 154 -20.30 -5.41 5.68
N CYS B 155 -19.48 -5.36 4.64
CA CYS B 155 -19.92 -5.56 3.26
C CYS B 155 -19.13 -6.67 2.61
N ASP B 156 -19.84 -7.64 2.03
CA ASP B 156 -19.22 -8.66 1.19
C ASP B 156 -19.59 -8.36 -0.25
N PHE B 157 -18.62 -7.86 -1.03
CA PHE B 157 -18.83 -7.61 -2.45
C PHE B 157 -18.64 -8.85 -3.30
N THR B 158 -18.36 -10.00 -2.70
CA THR B 158 -18.10 -11.23 -3.44
C THR B 158 -19.28 -12.20 -3.42
N THR B 159 -20.37 -11.88 -2.71
CA THR B 159 -21.52 -12.77 -2.63
C THR B 159 -22.68 -12.05 -1.95
N SER B 160 -23.89 -12.30 -2.44
CA SER B 160 -25.10 -11.72 -1.83
C SER B 160 -25.57 -12.51 -0.63
N GLU B 161 -25.04 -13.71 -0.40
CA GLU B 161 -25.41 -14.56 0.73
C GLU B 161 -24.15 -14.82 1.56
N SER B 162 -23.60 -13.76 2.14
CA SER B 162 -22.31 -13.86 2.83
C SER B 162 -22.46 -14.58 4.16
N THR B 163 -21.48 -15.42 4.49
CA THR B 163 -21.48 -16.11 5.77
C THR B 163 -20.66 -15.37 6.82
N ILE B 164 -20.28 -14.13 6.55
CA ILE B 164 -19.43 -13.36 7.47
C ILE B 164 -20.03 -11.99 7.74
N PHE B 165 -20.44 -11.30 6.70
CA PHE B 165 -20.88 -9.92 6.80
C PHE B 165 -22.40 -9.81 6.77
N SER B 166 -22.89 -8.64 7.20
CA SER B 166 -24.32 -8.40 7.29
C SER B 166 -24.93 -8.02 5.95
N LYS B 167 -24.19 -7.24 5.14
CA LYS B 167 -24.64 -6.79 3.83
C LYS B 167 -23.82 -7.48 2.74
N GLY B 168 -24.48 -7.85 1.65
CA GLY B 168 -23.82 -8.58 0.58
C GLY B 168 -24.36 -8.16 -0.77
N TYR B 169 -23.55 -8.43 -1.81
CA TYR B 169 -23.83 -7.99 -3.17
C TYR B 169 -23.54 -9.10 -4.16
N SER B 170 -24.53 -9.45 -4.98
CA SER B 170 -24.33 -10.39 -6.07
C SER B 170 -23.52 -9.73 -7.17
N ILE B 171 -22.89 -10.57 -8.01
CA ILE B 171 -22.03 -10.00 -9.04
C ILE B 171 -22.84 -9.27 -10.11
N ASN B 172 -24.09 -9.69 -10.32
CA ASN B 172 -24.97 -8.91 -11.19
C ASN B 172 -25.16 -7.48 -10.69
N GLU B 173 -24.81 -7.20 -9.44
CA GLU B 173 -24.91 -5.86 -8.88
C GLU B 173 -23.61 -5.08 -8.95
N ILE B 174 -22.47 -5.75 -8.85
CA ILE B 174 -21.18 -5.07 -8.84
C ILE B 174 -20.56 -5.02 -10.23
N SER B 175 -21.22 -5.57 -11.24
CA SER B 175 -20.83 -5.46 -12.64
C SER B 175 -21.72 -4.45 -13.35
N ASN B 176 -21.24 -3.99 -14.52
CA ASN B 176 -21.85 -2.88 -15.23
C ASN B 176 -22.69 -3.32 -16.42
N LYS B 177 -23.22 -4.55 -16.41
CA LYS B 177 -24.08 -4.99 -17.50
C LYS B 177 -25.48 -4.39 -17.38
N SER B 178 -26.00 -4.29 -16.16
CA SER B 178 -27.35 -3.78 -15.91
C SER B 178 -27.38 -2.28 -15.63
N SER B 179 -26.43 -1.77 -14.86
CA SER B 179 -26.26 -0.34 -14.67
C SER B 179 -24.93 0.07 -15.29
N ASN B 180 -24.81 1.35 -15.63
CA ASN B 180 -23.53 1.79 -16.16
C ASN B 180 -22.49 1.85 -15.05
N ASN B 181 -21.22 1.76 -15.44
CA ASN B 181 -20.16 1.75 -14.44
C ASN B 181 -19.93 3.10 -13.79
N GLN B 182 -20.76 4.11 -14.05
CA GLN B 182 -20.63 5.39 -13.38
C GLN B 182 -21.34 5.42 -12.03
N GLN B 183 -22.42 4.66 -11.85
CA GLN B 183 -23.15 4.62 -10.59
C GLN B 183 -22.52 3.56 -9.69
N ASP B 184 -21.80 4.02 -8.68
CA ASP B 184 -21.05 3.14 -7.80
C ASP B 184 -22.00 2.51 -6.76
N ILE B 185 -21.44 1.61 -5.96
CA ILE B 185 -22.18 0.88 -4.94
C ILE B 185 -21.66 1.36 -3.58
N VAL B 186 -22.53 2.00 -2.82
CA VAL B 186 -22.18 2.50 -1.50
C VAL B 186 -22.82 1.61 -0.44
N CYS B 187 -21.99 0.93 0.33
CA CYS B 187 -22.47 0.06 1.40
CA CYS B 187 -22.47 0.06 1.40
C CYS B 187 -22.19 0.76 2.73
N THR B 188 -23.23 1.34 3.32
CA THR B 188 -23.10 1.95 4.64
C THR B 188 -23.42 0.90 5.69
N VAL B 189 -22.52 0.74 6.64
CA VAL B 189 -22.81 0.01 7.86
C VAL B 189 -22.70 1.00 9.00
N LYS B 190 -23.69 0.98 9.89
CA LYS B 190 -23.59 1.69 11.17
C LYS B 190 -23.09 0.68 12.21
N ALA B 191 -22.27 1.16 13.14
CA ALA B 191 -21.71 0.28 14.15
C ALA B 191 -21.35 1.11 15.38
N HIS B 192 -21.16 0.42 16.50
CA HIS B 192 -20.86 1.09 17.75
C HIS B 192 -19.60 0.50 18.38
N ALA B 193 -19.37 0.77 19.66
CA ALA B 193 -18.13 0.36 20.31
C ALA B 193 -18.00 -1.16 20.39
N ASN B 194 -16.75 -1.63 20.33
CA ASN B 194 -16.42 -3.05 20.43
C ASN B 194 -17.15 -3.88 19.37
N ASP B 195 -17.41 -3.29 18.21
CA ASP B 195 -18.08 -3.96 17.11
C ASP B 195 -17.06 -4.35 16.03
N LEU B 196 -17.24 -5.53 15.47
CA LEU B 196 -16.39 -5.92 14.35
C LEU B 196 -16.94 -5.33 13.06
N ILE B 197 -16.05 -4.70 12.30
CA ILE B 197 -16.38 -4.15 10.99
C ILE B 197 -15.39 -4.71 9.99
N GLY B 198 -15.77 -4.65 8.72
CA GLY B 198 -14.87 -5.11 7.67
C GLY B 198 -15.55 -5.16 6.32
N PHE B 199 -14.78 -5.62 5.34
CA PHE B 199 -15.32 -5.83 3.99
C PHE B 199 -14.41 -6.82 3.28
N LYS B 200 -14.94 -7.41 2.20
CA LYS B 200 -14.18 -8.22 1.27
C LYS B 200 -14.52 -7.80 -0.14
N CYS B 201 -13.50 -7.64 -0.96
CA CYS B 201 -13.62 -7.26 -2.35
C CYS B 201 -13.13 -8.38 -3.26
N PRO B 202 -13.58 -8.39 -4.53
CA PRO B 202 -13.16 -9.46 -5.44
C PRO B 202 -11.68 -9.36 -5.78
N SER B 203 -11.17 -10.33 -6.54
CA SER B 203 -9.75 -10.64 -6.49
C SER B 203 -8.89 -9.57 -7.15
N ASN B 204 -9.31 -9.06 -8.30
CA ASN B 204 -8.46 -8.17 -9.07
C ASN B 204 -8.77 -6.70 -8.81
N TYR B 205 -9.55 -6.41 -7.77
CA TYR B 205 -9.77 -5.04 -7.31
C TYR B 205 -8.62 -4.60 -6.42
N SER B 206 -8.49 -3.29 -6.26
CA SER B 206 -7.50 -2.71 -5.36
C SER B 206 -8.21 -1.83 -4.32
N VAL B 207 -7.72 -1.87 -3.09
CA VAL B 207 -8.29 -1.10 -2.00
C VAL B 207 -7.51 0.19 -1.83
N GLU B 208 -8.23 1.31 -1.78
CA GLU B 208 -7.67 2.60 -1.47
C GLU B 208 -8.33 3.12 -0.20
N PRO B 209 -7.57 3.67 0.75
CA PRO B 209 -6.11 3.76 0.79
C PRO B 209 -5.45 2.40 1.05
N HIS B 210 -4.11 2.37 1.09
CA HIS B 210 -3.38 1.14 1.33
C HIS B 210 -3.59 0.61 2.74
N ASP B 211 -3.93 1.48 3.68
CA ASP B 211 -4.11 1.13 5.08
C ASP B 211 -5.46 1.65 5.57
N CYS B 212 -6.53 1.20 4.88
CA CYS B 212 -7.89 1.71 5.05
C CYS B 212 -8.32 1.91 6.49
N PHE B 213 -8.08 0.92 7.34
CA PHE B 213 -8.53 1.04 8.73
C PHE B 213 -7.55 1.79 9.61
N VAL B 214 -6.32 2.01 9.15
CA VAL B 214 -5.43 2.96 9.78
C VAL B 214 -5.60 4.36 9.19
N SER B 215 -5.93 4.44 7.90
CA SER B 215 -6.16 5.69 7.20
C SER B 215 -7.39 5.52 6.35
N ALA B 216 -8.44 6.28 6.62
CA ALA B 216 -9.56 6.12 5.73
C ALA B 216 -9.77 7.41 4.91
N PHE B 217 -10.94 7.55 4.31
CA PHE B 217 -11.32 8.74 3.57
C PHE B 217 -12.33 9.53 4.36
N ASN B 218 -12.00 10.78 4.68
CA ASN B 218 -12.94 11.70 5.31
C ASN B 218 -14.13 11.92 4.39
N LEU B 219 -15.23 12.40 4.96
CA LEU B 219 -16.40 12.70 4.16
C LEU B 219 -16.29 14.05 3.46
N SER B 220 -15.26 14.84 3.75
CA SER B 220 -14.91 15.91 2.81
C SER B 220 -14.28 15.33 1.56
N GLY B 221 -13.70 14.13 1.66
CA GLY B 221 -13.25 13.40 0.50
C GLY B 221 -11.75 13.54 0.29
N LYS B 222 -11.20 12.54 -0.41
CA LYS B 222 -9.80 12.54 -0.84
C LYS B 222 -8.87 12.92 0.31
N ASN B 223 -9.28 12.53 1.51
CA ASN B 223 -8.68 12.94 2.78
C ASN B 223 -8.31 11.66 3.50
N GLU B 224 -7.03 11.48 3.83
CA GLU B 224 -6.62 10.36 4.69
C GLU B 224 -6.37 10.93 6.09
N ASN B 225 -7.45 10.97 6.88
CA ASN B 225 -7.43 11.54 8.22
C ASN B 225 -6.60 10.72 9.19
N LEU B 226 -6.04 9.58 8.76
CA LEU B 226 -5.25 8.67 9.57
C LEU B 226 -5.90 8.30 10.90
N GLU B 227 -7.18 8.61 11.10
CA GLU B 227 -7.99 8.04 12.18
C GLU B 227 -7.42 8.36 13.56
N ASN B 228 -7.02 9.62 13.76
CA ASN B 228 -6.80 10.08 15.14
C ASN B 228 -8.12 10.17 15.89
N LYS B 229 -9.22 10.36 15.17
CA LYS B 229 -10.54 10.47 15.80
C LYS B 229 -11.03 9.12 16.30
N LEU B 230 -10.87 8.08 15.50
CA LEU B 230 -11.31 6.73 15.85
C LEU B 230 -10.10 5.80 15.86
N LYS B 231 -9.66 5.39 17.05
CA LYS B 231 -8.52 4.49 17.20
C LYS B 231 -9.02 3.05 17.18
N LEU B 232 -8.81 2.37 16.05
CA LEU B 232 -9.27 1.00 15.87
C LEU B 232 -8.19 0.00 16.24
N THR B 233 -8.63 -1.16 16.71
CA THR B 233 -7.76 -2.25 17.12
C THR B 233 -8.02 -3.46 16.23
N ASN B 234 -7.09 -4.42 16.30
CA ASN B 234 -7.20 -5.66 15.53
C ASN B 234 -7.35 -5.39 14.05
N ILE B 235 -6.64 -4.39 13.55
CA ILE B 235 -6.73 -3.98 12.15
C ILE B 235 -6.09 -5.05 11.27
N ILE B 236 -6.81 -5.51 10.26
CA ILE B 236 -6.34 -6.51 9.30
C ILE B 236 -6.53 -5.96 7.89
N MET B 237 -5.43 -5.68 7.20
CA MET B 237 -5.48 -5.26 5.80
C MET B 237 -4.75 -6.30 4.96
N ASP B 238 -5.49 -7.32 4.51
CA ASP B 238 -4.94 -8.34 3.63
C ASP B 238 -5.21 -7.92 2.19
N HIS B 239 -4.18 -7.36 1.54
CA HIS B 239 -4.30 -7.01 0.14
C HIS B 239 -4.19 -8.22 -0.79
N TYR B 240 -3.69 -9.35 -0.31
CA TYR B 240 -3.70 -10.57 -1.12
C TYR B 240 -5.09 -11.17 -1.21
N ASN B 241 -5.93 -10.99 -0.20
CA ASN B 241 -7.29 -11.52 -0.21
C ASN B 241 -8.34 -10.42 -0.24
N ASN B 242 -7.92 -9.16 -0.33
CA ASN B 242 -8.84 -8.02 -0.27
C ASN B 242 -9.84 -8.24 0.86
N THR B 243 -9.36 -8.77 1.98
CA THR B 243 -10.17 -8.97 3.17
C THR B 243 -9.69 -8.01 4.25
N PHE B 244 -10.60 -7.18 4.76
CA PHE B 244 -10.27 -6.15 5.73
C PHE B 244 -11.13 -6.30 6.98
N TYR B 245 -10.50 -6.18 8.15
CA TYR B 245 -11.18 -6.34 9.43
C TYR B 245 -10.62 -5.36 10.45
N SER B 246 -11.51 -4.85 11.30
CA SER B 246 -11.06 -4.22 12.54
C SER B 246 -12.24 -4.13 13.50
N ARG B 247 -11.93 -3.65 14.71
CA ARG B 247 -12.93 -3.49 15.76
C ARG B 247 -12.84 -2.06 16.28
N LEU B 248 -13.99 -1.42 16.47
CA LEU B 248 -14.02 -0.06 16.98
C LEU B 248 -13.66 -0.07 18.46
N PRO B 249 -13.20 1.07 18.99
CA PRO B 249 -12.60 1.09 20.33
C PRO B 249 -13.59 0.88 21.47
N SER B 250 -13.06 0.87 22.68
CA SER B 250 -13.91 0.73 23.87
C SER B 250 -14.94 1.85 23.94
N LEU B 251 -14.54 3.10 23.67
CA LEU B 251 -15.44 4.24 23.78
C LEU B 251 -15.36 5.06 22.50
N ILE B 252 -16.52 5.54 22.04
CA ILE B 252 -16.60 6.41 20.87
C ILE B 252 -16.78 7.83 21.39
N SER B 253 -15.86 8.73 21.03
CA SER B 253 -15.93 10.09 21.54
C SER B 253 -17.07 10.87 20.90
N ASP B 254 -17.03 10.99 19.57
CA ASP B 254 -18.05 11.67 18.78
C ASP B 254 -18.52 10.72 17.69
N ASN B 255 -19.58 11.11 16.98
CA ASN B 255 -20.02 10.36 15.81
C ASN B 255 -19.11 10.67 14.63
N TRP B 256 -18.65 9.63 13.94
CA TRP B 256 -17.72 9.78 12.84
C TRP B 256 -18.24 9.03 11.62
N LYS B 257 -17.73 9.44 10.46
CA LYS B 257 -18.04 8.81 9.18
C LYS B 257 -16.78 8.76 8.34
N PHE B 258 -16.48 7.59 7.78
CA PHE B 258 -15.30 7.42 6.94
C PHE B 258 -15.60 6.34 5.93
N PHE B 259 -14.82 6.30 4.84
CA PHE B 259 -15.08 5.30 3.81
C PHE B 259 -13.78 4.88 3.12
N CYS B 260 -13.85 3.76 2.41
CA CYS B 260 -12.76 3.25 1.60
C CYS B 260 -13.34 2.66 0.32
N VAL B 261 -12.50 2.58 -0.71
CA VAL B 261 -12.96 2.27 -2.06
C VAL B 261 -12.19 1.09 -2.62
N CYS B 262 -12.92 0.11 -3.10
CA CYS B 262 -12.38 -0.92 -3.98
C CYS B 262 -12.62 -0.51 -5.42
N SER B 263 -11.57 -0.53 -6.22
CA SER B 263 -11.63 -0.04 -7.59
C SER B 263 -11.08 -1.07 -8.55
N LYS B 264 -11.67 -1.09 -9.73
CA LYS B 264 -11.14 -1.85 -10.85
C LYS B 264 -11.52 -1.10 -12.12
N ASP B 265 -10.58 -1.06 -13.07
CA ASP B 265 -10.78 -0.21 -14.24
C ASP B 265 -11.96 -0.69 -15.07
N ASN B 266 -12.78 0.27 -15.51
CA ASN B 266 -14.01 0.04 -16.30
C ASN B 266 -15.09 -0.66 -15.49
N GLU B 267 -15.03 -0.61 -14.16
CA GLU B 267 -16.04 -1.19 -13.30
C GLU B 267 -16.57 -0.12 -12.35
N LYS B 268 -17.67 -0.44 -11.69
CA LYS B 268 -18.16 0.46 -10.65
C LYS B 268 -17.18 0.49 -9.48
N LYS B 269 -17.14 1.63 -8.81
CA LYS B 269 -16.48 1.72 -7.52
C LYS B 269 -17.31 1.00 -6.46
N LEU B 270 -16.68 0.11 -5.70
CA LEU B 270 -17.30 -0.49 -4.51
C LEU B 270 -16.76 0.20 -3.26
N VAL B 271 -17.65 0.90 -2.55
CA VAL B 271 -17.25 1.77 -1.45
C VAL B 271 -17.83 1.25 -0.14
N PHE B 272 -16.97 1.13 0.87
CA PHE B 272 -17.33 0.74 2.22
C PHE B 272 -17.29 1.97 3.12
N THR B 273 -18.43 2.32 3.72
CA THR B 273 -18.50 3.48 4.59
C THR B 273 -19.15 3.13 5.93
N VAL B 274 -18.58 3.66 7.01
CA VAL B 274 -19.05 3.38 8.37
C VAL B 274 -19.43 4.68 9.06
N GLU B 275 -20.53 4.65 9.79
CA GLU B 275 -20.89 5.68 10.76
C GLU B 275 -20.76 5.07 12.15
N ALA B 276 -19.85 5.62 12.96
CA ALA B 276 -19.66 5.16 14.32
C ALA B 276 -20.46 6.06 15.25
N SER B 277 -21.47 5.51 15.88
CA SER B 277 -22.23 6.25 16.88
C SER B 277 -21.52 6.17 18.23
N ILE B 278 -21.68 7.24 19.03
CA ILE B 278 -21.08 7.36 20.36
C ILE B 278 -21.56 6.23 21.24
N SER B 279 -20.61 5.47 21.82
CA SER B 279 -20.95 4.28 22.56
C SER B 279 -19.96 4.08 23.68
N SER B 280 -20.33 3.21 24.62
CA SER B 280 -19.51 3.00 25.82
C SER B 280 -19.68 1.60 26.40
C1 NAG C . 10.88 18.66 -24.66
C2 NAG C . 10.12 19.24 -25.87
C3 NAG C . 10.13 18.23 -27.03
C4 NAG C . 11.56 17.83 -27.36
C5 NAG C . 12.23 17.27 -26.11
C6 NAG C . 13.69 16.89 -26.33
C7 NAG C . 8.35 20.85 -25.30
C8 NAG C . 6.91 21.02 -24.94
N2 NAG C . 8.75 19.59 -25.51
O3 NAG C . 9.51 18.81 -28.17
O4 NAG C . 11.57 16.85 -28.39
O5 NAG C . 12.21 18.25 -25.07
O6 NAG C . 14.26 16.28 -25.19
O7 NAG C . 9.12 21.80 -25.39
CD CD D . 8.23 10.21 -22.16
CD CD E . 25.42 -4.94 1.96
CD CD F . 1.64 3.46 5.51
CD CD G . 23.67 -2.78 -22.46
CD CD H . 1.06 22.30 3.75
C1 NAG I . -7.30 -11.63 -12.40
C2 NAG I . -8.16 -12.77 -12.97
C3 NAG I . -7.27 -13.92 -13.45
C4 NAG I . -6.24 -13.40 -14.45
C5 NAG I . -5.42 -12.29 -13.79
C6 NAG I . -4.41 -11.67 -14.74
C7 NAG I . -10.40 -12.87 -11.96
C8 NAG I . -11.25 -13.47 -10.89
N2 NAG I . -9.12 -13.24 -11.99
O3 NAG I . -8.07 -14.93 -14.06
O4 NAG I . -5.37 -14.46 -14.85
O5 NAG I . -6.30 -11.24 -13.37
O6 NAG I . -5.04 -10.93 -15.77
O7 NAG I . -10.86 -12.07 -12.79
CD CD J . 10.64 -43.29 24.67
CD CD K . -14.93 -35.41 3.96
#